data_4M2M
#
_entry.id   4M2M
#
_cell.length_a   138.456
_cell.length_b   138.456
_cell.length_c   48.961
_cell.angle_alpha   90.00
_cell.angle_beta   90.00
_cell.angle_gamma   90.00
#
_symmetry.space_group_name_H-M   'P 43 21 2'
#
loop_
_entity.id
_entity.type
_entity.pdbx_description
1 polymer Aminotransferase
2 non-polymer "PYRIDOXAL-5'-PHOSPHATE"
3 non-polymer ARGININE
4 water water
#
_entity_poly.entity_id   1
_entity_poly.type   'polypeptide(L)'
_entity_poly.pdbx_seq_one_letter_code
;MGSSHHHHHHSSGLVPRGSHMSSLRPRREDPPVLEEWYRRHLGPDIHDISSSGVHPYSFAEIRDVCRIPAADLDAVVMDD
SVSQGGEGVRRAIADRYAGGDADRVLVTHGSSEAIALTLNALLHRGDRVVVQEGIYHSLGHYPRAAGCDVAVLPGRAVRD
GEIDPDVLAGLVTPGTAAVIVNFPHNPTGVTLSPQGLRALKERTAATGAVLVWDAATAEIAHRWEVLADPGADGGDTVSY
GTLSKTFGLPGLRVGWAVAPKELLTATFPLRDRTTLFLSPLVELVAERAVRHADELIGARAAEARHNLAHLTGWMAAHEE
LVRWTPPEGGVCALPVFRELERAAAGPQEVERFCLELLERHRTLLVPGTAFGAPHGARLGFGGPQEDFRAGLDGLSRFLR
ERAAGR
;
_entity_poly.pdbx_strand_id   A
#
loop_
_chem_comp.id
_chem_comp.type
_chem_comp.name
_chem_comp.formula
PLP non-polymer PYRIDOXAL-5'-PHOSPHATE 'C8 H10 N O6 P'
#
# COMPACT_ATOMS: atom_id res chain seq x y z
N PRO A 26 5.13 24.96 19.37
CA PRO A 26 4.90 23.57 18.96
C PRO A 26 6.13 22.96 18.26
N ARG A 27 6.44 21.69 18.56
CA ARG A 27 7.54 20.97 17.90
C ARG A 27 7.28 20.86 16.41
N ARG A 28 8.23 21.36 15.60
CA ARG A 28 8.08 21.39 14.15
C ARG A 28 8.76 20.20 13.47
N GLU A 29 8.03 19.58 12.55
CA GLU A 29 8.49 18.46 11.73
C GLU A 29 7.79 18.63 10.41
N ASP A 30 8.47 18.30 9.31
CA ASP A 30 7.83 18.35 8.00
C ASP A 30 6.88 17.15 7.84
N PRO A 31 5.64 17.40 7.37
CA PRO A 31 4.80 16.23 7.13
C PRO A 31 5.30 15.49 5.90
N PRO A 32 4.94 14.20 5.78
CA PRO A 32 5.30 13.51 4.52
C PRO A 32 4.68 14.21 3.31
N VAL A 33 5.41 14.24 2.20
CA VAL A 33 4.95 14.90 0.99
C VAL A 33 3.60 14.38 0.49
N LEU A 34 3.43 13.06 0.56
CA LEU A 34 2.20 12.41 0.09
C LEU A 34 0.95 12.97 0.78
N GLU A 35 0.98 13.00 2.11
CA GLU A 35 -0.20 13.40 2.88
C GLU A 35 -0.43 14.92 2.79
N GLU A 36 0.65 15.68 2.73
CA GLU A 36 0.51 17.14 2.54
C GLU A 36 -0.11 17.46 1.18
N TRP A 37 0.30 16.71 0.16
CA TRP A 37 -0.21 16.91 -1.18
C TRP A 37 -1.71 16.73 -1.19
N TYR A 38 -2.20 15.70 -0.52
CA TYR A 38 -3.62 15.44 -0.51
C TYR A 38 -4.34 16.47 0.36
N ARG A 39 -3.76 16.90 1.47
CA ARG A 39 -4.44 17.95 2.30
C ARG A 39 -4.69 19.20 1.47
N ARG A 40 -3.73 19.53 0.61
CA ARG A 40 -3.85 20.78 -0.17
C ARG A 40 -4.68 20.67 -1.43
N HIS A 41 -4.80 19.46 -2.00
CA HIS A 41 -5.33 19.37 -3.36
C HIS A 41 -6.52 18.48 -3.63
N LEU A 42 -6.95 17.71 -2.64
CA LEU A 42 -8.22 17.02 -2.79
C LEU A 42 -9.30 18.06 -2.79
N GLY A 43 -10.32 17.86 -3.62
CA GLY A 43 -11.38 18.85 -3.71
C GLY A 43 -12.41 18.45 -4.72
N PRO A 44 -13.40 19.33 -4.95
CA PRO A 44 -14.50 18.99 -5.87
C PRO A 44 -14.10 19.25 -7.31
N ASP A 45 -14.82 18.62 -8.26
CA ASP A 45 -14.69 18.90 -9.71
C ASP A 45 -13.31 18.57 -10.28
N ILE A 46 -12.71 17.50 -9.79
CA ILE A 46 -11.43 17.05 -10.33
C ILE A 46 -11.50 15.59 -10.79
N HIS A 47 -10.56 15.24 -11.65
CA HIS A 47 -10.39 13.87 -12.10
C HIS A 47 -9.27 13.29 -11.29
N ASP A 48 -9.63 12.56 -10.24
CA ASP A 48 -8.59 12.06 -9.33
C ASP A 48 -8.13 10.73 -9.90
N ILE A 49 -6.99 10.75 -10.59
CA ILE A 49 -6.38 9.53 -11.12
C ILE A 49 -5.04 9.32 -10.39
N SER A 50 -5.08 9.49 -9.08
CA SER A 50 -3.84 9.54 -8.26
C SER A 50 -3.73 8.47 -7.19
N SER A 51 -4.78 7.67 -7.00
CA SER A 51 -4.85 6.81 -5.80
C SER A 51 -4.11 5.49 -5.97
N SER A 52 -3.65 4.95 -4.83
CA SER A 52 -3.13 3.59 -4.81
C SER A 52 -4.22 2.57 -4.47
N GLY A 53 -5.45 3.04 -4.32
CA GLY A 53 -6.55 2.17 -3.98
C GLY A 53 -7.69 2.21 -4.98
N VAL A 54 -8.58 1.23 -4.86
CA VAL A 54 -9.80 1.18 -5.66
C VAL A 54 -10.87 2.09 -5.09
N HIS A 55 -11.75 2.60 -5.94
CA HIS A 55 -12.65 3.64 -5.48
C HIS A 55 -13.61 3.14 -4.42
N PRO A 56 -13.97 4.01 -3.47
CA PRO A 56 -14.71 3.56 -2.28
C PRO A 56 -16.15 3.14 -2.55
N TYR A 57 -16.59 2.10 -1.85
CA TYR A 57 -18.00 1.74 -1.76
C TYR A 57 -18.79 2.69 -0.86
N SER A 58 -20.11 2.80 -1.10
CA SER A 58 -20.98 3.46 -0.12
C SER A 58 -21.32 2.46 0.99
N PHE A 59 -21.73 2.97 2.16
CA PHE A 59 -22.14 2.08 3.21
C PHE A 59 -23.36 1.20 2.79
N ALA A 60 -24.23 1.78 1.95
CA ALA A 60 -25.36 1.01 1.36
C ALA A 60 -24.88 -0.27 0.66
N GLU A 61 -23.89 -0.09 -0.22
CA GLU A 61 -23.32 -1.19 -0.98
C GLU A 61 -22.66 -2.21 -0.05
N ILE A 62 -21.99 -1.72 0.97
CA ILE A 62 -21.41 -2.65 1.96
C ILE A 62 -22.48 -3.51 2.64
N ARG A 63 -23.56 -2.89 3.06
CA ARG A 63 -24.68 -3.60 3.72
C ARG A 63 -25.30 -4.62 2.80
N ASP A 64 -25.38 -4.28 1.51
CA ASP A 64 -25.93 -5.19 0.50
C ASP A 64 -24.98 -6.37 0.25
N VAL A 65 -23.75 -6.07 -0.17
CA VAL A 65 -22.81 -7.12 -0.51
C VAL A 65 -22.40 -8.01 0.67
N CYS A 66 -22.23 -7.39 1.84
CA CYS A 66 -21.65 -8.06 2.99
C CYS A 66 -22.75 -8.59 3.91
N ARG A 67 -23.99 -8.40 3.47
CA ARG A 67 -25.17 -8.94 4.13
C ARG A 67 -25.23 -8.47 5.59
N ILE A 68 -25.38 -7.17 5.75
CA ILE A 68 -25.48 -6.58 7.07
C ILE A 68 -26.87 -5.94 7.27
N PRO A 69 -27.81 -6.69 7.90
CA PRO A 69 -29.11 -6.09 8.20
C PRO A 69 -28.98 -4.97 9.24
N ALA A 70 -29.84 -3.98 9.13
CA ALA A 70 -29.85 -2.89 10.08
C ALA A 70 -29.95 -3.39 11.51
N ALA A 71 -30.69 -4.48 11.71
CA ALA A 71 -30.86 -5.03 13.06
C ALA A 71 -29.54 -5.47 13.70
N ASP A 72 -28.63 -6.00 12.89
CA ASP A 72 -27.31 -6.45 13.35
C ASP A 72 -26.48 -5.26 13.84
N LEU A 73 -26.53 -4.15 13.11
CA LEU A 73 -25.83 -2.95 13.56
C LEU A 73 -26.44 -2.39 14.83
N ASP A 74 -27.77 -2.28 14.84
CA ASP A 74 -28.51 -1.73 15.98
C ASP A 74 -28.28 -2.50 17.26
N ALA A 75 -28.00 -3.79 17.15
CA ALA A 75 -27.81 -4.63 18.34
C ALA A 75 -26.45 -4.40 19.00
N VAL A 76 -25.49 -3.80 18.28
CA VAL A 76 -24.15 -3.57 18.86
C VAL A 76 -24.22 -2.66 20.06
N VAL A 77 -23.68 -3.14 21.19
CA VAL A 77 -23.55 -2.29 22.35
C VAL A 77 -22.23 -1.52 22.15
N MET A 78 -22.30 -0.20 22.35
CA MET A 78 -21.14 0.69 22.06
C MET A 78 -20.16 0.72 23.22
N ASP A 79 -19.71 -0.48 23.59
CA ASP A 79 -18.82 -0.65 24.72
C ASP A 79 -17.39 -0.83 24.21
N ASP A 80 -16.45 -1.00 25.14
CA ASP A 80 -15.04 -1.27 24.82
C ASP A 80 -14.94 -2.55 24.00
N SER A 81 -14.01 -2.56 23.04
CA SER A 81 -13.56 -3.81 22.49
C SER A 81 -12.25 -4.21 23.18
N VAL A 82 -11.40 -5.00 22.52
CA VAL A 82 -10.21 -5.57 23.16
C VAL A 82 -8.92 -5.20 22.42
N SER A 83 -7.81 -5.27 23.16
CA SER A 83 -6.50 -4.79 22.68
C SER A 83 -6.02 -5.45 21.38
N GLN A 84 -6.29 -6.75 21.21
CA GLN A 84 -5.79 -7.42 20.02
C GLN A 84 -6.68 -7.23 18.78
N GLY A 85 -7.88 -6.71 19.01
CA GLY A 85 -8.93 -6.70 17.97
C GLY A 85 -10.00 -7.73 18.28
N GLY A 86 -11.25 -7.43 17.93
CA GLY A 86 -12.38 -8.34 18.19
C GLY A 86 -12.15 -9.72 17.62
N GLU A 87 -12.61 -10.74 18.35
CA GLU A 87 -12.35 -12.12 17.95
C GLU A 87 -12.92 -12.42 16.57
N GLY A 88 -14.13 -11.95 16.30
CA GLY A 88 -14.76 -12.22 15.00
C GLY A 88 -13.94 -11.67 13.84
N VAL A 89 -13.54 -10.41 13.93
CA VAL A 89 -12.73 -9.83 12.84
C VAL A 89 -11.34 -10.48 12.75
N ARG A 90 -10.72 -10.81 13.89
CA ARG A 90 -9.44 -11.53 13.87
C ARG A 90 -9.56 -12.86 13.18
N ARG A 91 -10.62 -13.61 13.47
CA ARG A 91 -10.81 -14.90 12.82
C ARG A 91 -11.02 -14.78 11.31
N ALA A 92 -11.78 -13.76 10.90
CA ALA A 92 -12.02 -13.59 9.47
C ALA A 92 -10.68 -13.31 8.74
N ILE A 93 -9.90 -12.40 9.30
CA ILE A 93 -8.55 -12.08 8.77
C ILE A 93 -7.63 -13.27 8.81
N ALA A 94 -7.63 -13.99 9.93
CA ALA A 94 -6.72 -15.13 10.05
C ALA A 94 -7.00 -16.23 9.02
N ASP A 95 -8.28 -16.47 8.75
CA ASP A 95 -8.66 -17.51 7.77
C ASP A 95 -8.12 -17.18 6.40
N ARG A 96 -8.01 -15.88 6.11
CA ARG A 96 -7.50 -15.44 4.84
C ARG A 96 -5.96 -15.33 4.73
N TYR A 97 -5.31 -14.86 5.80
CA TYR A 97 -3.90 -14.43 5.75
C TYR A 97 -2.99 -15.02 6.83
N ALA A 98 -3.55 -15.76 7.79
CA ALA A 98 -2.73 -16.27 8.89
C ALA A 98 -2.90 -17.77 9.09
N GLY A 99 -3.33 -18.47 8.05
CA GLY A 99 -3.43 -19.93 8.17
C GLY A 99 -4.47 -20.35 9.21
N GLY A 100 -5.45 -19.50 9.44
CA GLY A 100 -6.49 -19.76 10.43
C GLY A 100 -6.17 -19.39 11.87
N ASP A 101 -4.96 -18.90 12.14
CA ASP A 101 -4.57 -18.62 13.53
C ASP A 101 -4.95 -17.22 13.96
N ALA A 102 -6.11 -17.11 14.59
CA ALA A 102 -6.58 -15.80 15.08
C ALA A 102 -5.68 -15.20 16.15
N ASP A 103 -4.92 -16.01 16.87
CA ASP A 103 -3.95 -15.49 17.87
C ASP A 103 -2.79 -14.71 17.26
N ARG A 104 -2.58 -14.86 15.95
CA ARG A 104 -1.47 -14.19 15.26
C ARG A 104 -1.95 -12.97 14.46
N VAL A 105 -3.17 -12.50 14.73
CA VAL A 105 -3.69 -11.30 14.05
C VAL A 105 -3.90 -10.17 15.06
N LEU A 106 -3.49 -8.96 14.67
CA LEU A 106 -3.73 -7.74 15.44
C LEU A 106 -4.53 -6.79 14.56
N VAL A 107 -5.72 -6.42 15.02
CA VAL A 107 -6.63 -5.61 14.18
C VAL A 107 -6.53 -4.17 14.60
N THR A 108 -6.29 -3.30 13.62
CA THR A 108 -5.87 -1.93 13.93
C THR A 108 -6.59 -0.86 13.10
N HIS A 109 -6.34 0.41 13.44
CA HIS A 109 -6.99 1.54 12.77
C HIS A 109 -6.26 1.86 11.49
N GLY A 110 -6.64 1.16 10.43
CA GLY A 110 -5.82 1.09 9.22
C GLY A 110 -4.60 0.22 9.46
N SER A 111 -3.89 -0.13 8.38
CA SER A 111 -2.59 -0.73 8.55
C SER A 111 -1.59 0.30 9.06
N SER A 112 -1.92 1.59 8.92
CA SER A 112 -1.07 2.63 9.48
C SER A 112 -0.79 2.32 10.94
N GLU A 113 -1.84 1.98 11.70
CA GLU A 113 -1.60 1.70 13.13
C GLU A 113 -0.85 0.40 13.36
N ALA A 114 -1.14 -0.61 12.55
CA ALA A 114 -0.41 -1.88 12.64
C ALA A 114 1.10 -1.69 12.45
N ILE A 115 1.47 -0.90 11.44
CA ILE A 115 2.91 -0.56 11.22
C ILE A 115 3.52 0.14 12.45
N ALA A 116 2.86 1.17 12.93
CA ALA A 116 3.38 1.95 14.05
C ALA A 116 3.55 1.08 15.28
N LEU A 117 2.54 0.28 15.60
CA LEU A 117 2.61 -0.57 16.78
C LEU A 117 3.66 -1.61 16.68
N THR A 118 3.66 -2.33 15.55
CA THR A 118 4.58 -3.47 15.46
C THR A 118 6.04 -3.06 15.23
N LEU A 119 6.29 -2.03 14.42
CA LEU A 119 7.66 -1.64 14.19
C LEU A 119 8.27 -1.01 15.42
N ASN A 120 7.46 -0.29 16.20
CA ASN A 120 7.94 0.17 17.49
C ASN A 120 8.43 -0.95 18.39
N ALA A 121 7.72 -2.06 18.40
CA ALA A 121 8.11 -3.22 19.24
C ALA A 121 9.23 -4.06 18.64
N LEU A 122 9.30 -4.12 17.31
CA LEU A 122 10.22 -5.04 16.64
C LEU A 122 11.64 -4.48 16.56
N LEU A 123 11.75 -3.18 16.28
CA LEU A 123 13.03 -2.60 15.88
C LEU A 123 13.80 -1.97 17.02
N HIS A 124 15.09 -2.27 17.08
CA HIS A 124 15.97 -1.77 18.14
C HIS A 124 17.08 -0.97 17.55
N ARG A 125 17.62 -0.05 18.34
CA ARG A 125 18.75 0.76 17.93
C ARG A 125 19.92 -0.12 17.55
N GLY A 126 20.55 0.20 16.43
CA GLY A 126 21.69 -0.58 15.93
C GLY A 126 21.33 -1.83 15.16
N ASP A 127 20.04 -2.21 15.13
CA ASP A 127 19.63 -3.38 14.32
C ASP A 127 19.93 -3.07 12.86
N ARG A 128 20.41 -4.06 12.10
CA ARG A 128 20.61 -3.84 10.69
C ARG A 128 19.30 -4.17 9.95
N VAL A 129 18.79 -3.21 9.19
CA VAL A 129 17.49 -3.40 8.51
C VAL A 129 17.64 -3.08 7.02
N VAL A 130 17.17 -3.96 6.14
CA VAL A 130 17.13 -3.71 4.71
C VAL A 130 15.75 -3.18 4.34
N VAL A 131 15.71 -2.01 3.73
CA VAL A 131 14.42 -1.38 3.38
C VAL A 131 14.35 -1.16 1.87
N GLN A 132 13.25 -1.61 1.27
CA GLN A 132 12.97 -1.34 -0.15
C GLN A 132 13.08 0.16 -0.47
N GLU A 133 13.72 0.48 -1.60
CA GLU A 133 13.75 1.85 -2.09
C GLU A 133 12.35 2.41 -2.34
N GLY A 134 12.15 3.70 -2.00
CA GLY A 134 10.87 4.34 -2.32
C GLY A 134 9.69 3.68 -1.65
N ILE A 135 9.89 3.18 -0.44
CA ILE A 135 8.80 2.51 0.27
C ILE A 135 7.89 3.55 0.94
N TYR A 136 6.61 3.14 1.11
CA TYR A 136 5.64 4.00 1.79
C TYR A 136 6.26 4.67 2.99
N HIS A 137 6.00 5.97 3.13
CA HIS A 137 6.77 6.78 4.12
C HIS A 137 6.83 6.21 5.52
N SER A 138 5.72 5.66 6.03
CA SER A 138 5.71 5.24 7.44
C SER A 138 6.64 4.03 7.62
N LEU A 139 6.74 3.18 6.59
CA LEU A 139 7.61 2.01 6.67
C LEU A 139 9.09 2.41 6.69
N GLY A 140 9.42 3.50 5.97
CA GLY A 140 10.78 4.04 6.00
C GLY A 140 11.09 4.81 7.28
N HIS A 141 10.06 5.38 7.87
CA HIS A 141 10.25 6.22 9.07
C HIS A 141 10.67 5.44 10.28
N TYR A 142 9.99 4.33 10.56
CA TYR A 142 10.22 3.65 11.84
C TYR A 142 11.63 3.10 12.06
N PRO A 143 12.26 2.51 11.03
CA PRO A 143 13.66 2.13 11.18
C PRO A 143 14.62 3.30 11.44
N ARG A 144 14.38 4.43 10.79
CA ARG A 144 15.17 5.63 11.06
C ARG A 144 14.98 6.07 12.50
N ALA A 145 13.73 6.21 12.92
CA ALA A 145 13.41 6.69 14.26
C ALA A 145 14.01 5.83 15.37
N ALA A 146 14.08 4.51 15.13
CA ALA A 146 14.57 3.56 16.14
C ALA A 146 16.11 3.57 16.18
N GLY A 147 16.71 4.23 15.22
CA GLY A 147 18.19 4.29 15.13
C GLY A 147 18.78 3.04 14.54
N CYS A 148 18.02 2.37 13.68
CA CYS A 148 18.54 1.19 12.96
C CYS A 148 19.62 1.59 11.97
N ASP A 149 20.48 0.62 11.64
CA ASP A 149 21.43 0.79 10.56
C ASP A 149 20.70 0.34 9.28
N VAL A 150 20.33 1.31 8.45
CA VAL A 150 19.45 1.04 7.31
C VAL A 150 20.25 0.88 6.03
N ALA A 151 20.03 -0.23 5.33
CA ALA A 151 20.54 -0.42 3.99
C ALA A 151 19.40 -0.49 3.00
N VAL A 152 19.54 0.20 1.88
CA VAL A 152 18.44 0.29 0.91
C VAL A 152 18.55 -0.81 -0.16
N LEU A 153 17.42 -1.49 -0.41
CA LEU A 153 17.31 -2.41 -1.52
C LEU A 153 16.82 -1.65 -2.75
N PRO A 154 17.71 -1.43 -3.76
CA PRO A 154 17.31 -0.55 -4.87
C PRO A 154 16.21 -1.13 -5.72
N GLY A 155 15.32 -0.27 -6.18
CA GLY A 155 14.22 -0.68 -7.02
C GLY A 155 14.64 -1.43 -8.26
N ARG A 156 15.77 -1.01 -8.85
CA ARG A 156 16.27 -1.65 -10.06
C ARG A 156 16.61 -3.10 -9.84
N ALA A 157 16.83 -3.50 -8.58
CA ALA A 157 17.23 -4.88 -8.28
C ALA A 157 16.04 -5.82 -8.27
N VAL A 158 14.83 -5.27 -8.48
CA VAL A 158 13.61 -6.09 -8.51
C VAL A 158 13.05 -6.04 -9.90
N ARG A 159 13.07 -7.19 -10.55
CA ARG A 159 12.59 -7.26 -11.92
C ARG A 159 12.20 -8.66 -12.31
N ASP A 160 11.16 -8.73 -13.13
CA ASP A 160 10.62 -9.98 -13.60
C ASP A 160 10.26 -10.94 -12.45
N GLY A 161 9.81 -10.36 -11.35
CA GLY A 161 9.21 -11.13 -10.23
C GLY A 161 10.18 -11.60 -9.17
N GLU A 162 11.43 -11.19 -9.29
CA GLU A 162 12.48 -11.64 -8.35
C GLU A 162 13.45 -10.52 -7.97
N ILE A 163 13.96 -10.56 -6.75
CA ILE A 163 15.12 -9.73 -6.40
C ILE A 163 16.36 -10.38 -7.00
N ASP A 164 17.21 -9.57 -7.65
CA ASP A 164 18.45 -10.07 -8.22
C ASP A 164 19.16 -10.94 -7.19
N PRO A 165 19.47 -12.20 -7.55
CA PRO A 165 20.05 -13.09 -6.57
C PRO A 165 21.33 -12.57 -5.91
N ASP A 166 22.20 -11.93 -6.68
CA ASP A 166 23.47 -11.41 -6.15
C ASP A 166 23.21 -10.29 -5.13
N VAL A 167 22.23 -9.46 -5.43
CA VAL A 167 21.90 -8.34 -4.57
C VAL A 167 21.20 -8.87 -3.32
N LEU A 168 20.29 -9.82 -3.51
CA LEU A 168 19.60 -10.41 -2.36
C LEU A 168 20.60 -11.00 -1.35
N ALA A 169 21.52 -11.82 -1.86
CA ALA A 169 22.53 -12.48 -1.02
C ALA A 169 23.51 -11.46 -0.42
N GLY A 170 23.81 -10.41 -1.18
CA GLY A 170 24.84 -9.45 -0.75
C GLY A 170 24.33 -8.37 0.20
N LEU A 171 23.03 -8.07 0.15
CA LEU A 171 22.44 -7.05 1.03
C LEU A 171 21.82 -7.65 2.27
N VAL A 172 21.13 -8.78 2.12
CA VAL A 172 20.51 -9.45 3.25
C VAL A 172 21.53 -10.46 3.78
N THR A 173 22.29 -10.00 4.76
CA THR A 173 23.42 -10.80 5.24
C THR A 173 23.14 -11.42 6.59
N PRO A 174 23.91 -12.46 6.96
CA PRO A 174 23.79 -13.00 8.32
C PRO A 174 23.75 -11.92 9.36
N GLY A 175 22.84 -12.08 10.32
CA GLY A 175 22.68 -11.12 11.41
C GLY A 175 21.81 -9.90 11.06
N THR A 176 21.38 -9.77 9.80
CA THR A 176 20.41 -8.70 9.43
C THR A 176 19.15 -8.95 10.27
N ALA A 177 18.61 -7.90 10.89
CA ALA A 177 17.50 -8.04 11.80
C ALA A 177 16.17 -8.15 11.07
N ALA A 178 16.03 -7.37 10.01
CA ALA A 178 14.72 -7.28 9.34
C ALA A 178 14.88 -6.84 7.90
N VAL A 179 13.95 -7.29 7.05
CA VAL A 179 13.87 -6.85 5.63
C VAL A 179 12.45 -6.35 5.44
N ILE A 180 12.34 -5.09 5.03
CA ILE A 180 11.02 -4.47 4.99
C ILE A 180 10.70 -4.13 3.52
N VAL A 181 9.60 -4.72 3.03
CA VAL A 181 9.19 -4.54 1.61
C VAL A 181 7.70 -4.38 1.49
N ASN A 182 7.28 -3.76 0.39
CA ASN A 182 5.86 -3.61 0.04
C ASN A 182 5.66 -4.13 -1.38
N PHE A 183 4.96 -5.28 -1.50
CA PHE A 183 4.70 -5.90 -2.81
C PHE A 183 3.28 -6.40 -2.83
N PRO A 184 2.50 -5.99 -3.86
CA PRO A 184 2.85 -5.03 -4.93
C PRO A 184 3.22 -3.66 -4.36
N HIS A 185 4.09 -2.96 -5.10
CA HIS A 185 4.69 -1.72 -4.59
C HIS A 185 3.87 -0.51 -4.90
N ASN A 186 3.60 0.28 -3.86
CA ASN A 186 3.07 1.64 -4.04
C ASN A 186 4.28 2.58 -4.11
N PRO A 187 4.51 3.27 -5.25
CA PRO A 187 3.56 3.49 -6.37
C PRO A 187 3.85 2.75 -7.70
N THR A 188 4.93 1.99 -7.78
CA THR A 188 5.34 1.48 -9.13
C THR A 188 4.57 0.28 -9.62
N GLY A 189 3.98 -0.46 -8.71
CA GLY A 189 3.24 -1.67 -9.06
C GLY A 189 4.11 -2.89 -9.30
N VAL A 190 5.42 -2.75 -9.03
CA VAL A 190 6.31 -3.90 -9.13
C VAL A 190 5.95 -4.91 -8.04
N THR A 191 6.00 -6.19 -8.40
CA THR A 191 5.77 -7.21 -7.38
C THR A 191 6.63 -8.46 -7.63
N LEU A 192 6.46 -9.47 -6.79
CA LEU A 192 7.18 -10.74 -6.95
C LEU A 192 6.28 -11.80 -7.54
N SER A 193 6.93 -12.79 -8.15
CA SER A 193 6.28 -14.06 -8.49
C SER A 193 6.37 -15.01 -7.31
N PRO A 194 5.58 -16.11 -7.33
CA PRO A 194 5.77 -17.09 -6.26
C PRO A 194 7.23 -17.51 -6.11
N GLN A 195 7.96 -17.68 -7.21
CA GLN A 195 9.35 -18.03 -7.12
C GLN A 195 10.20 -16.97 -6.48
N GLY A 196 9.94 -15.73 -6.85
CA GLY A 196 10.65 -14.60 -6.26
C GLY A 196 10.46 -14.51 -4.75
N LEU A 197 9.22 -14.70 -4.32
CA LEU A 197 8.92 -14.65 -2.90
C LEU A 197 9.57 -15.85 -2.16
N ARG A 198 9.51 -17.05 -2.77
CA ARG A 198 10.23 -18.20 -2.22
C ARG A 198 11.70 -17.90 -1.96
N ALA A 199 12.37 -17.31 -2.94
CA ALA A 199 13.79 -17.00 -2.78
C ALA A 199 14.04 -15.99 -1.67
N LEU A 200 13.15 -14.99 -1.57
CA LEU A 200 13.27 -13.99 -0.52
C LEU A 200 13.11 -14.63 0.85
N LYS A 201 12.12 -15.50 0.99
CA LYS A 201 11.90 -16.25 2.26
C LYS A 201 13.03 -17.22 2.58
N GLU A 202 13.66 -17.79 1.56
CA GLU A 202 14.84 -18.65 1.81
C GLU A 202 15.97 -17.83 2.40
N ARG A 203 16.18 -16.62 1.88
CA ARG A 203 17.28 -15.82 2.38
C ARG A 203 17.04 -15.23 3.78
N THR A 204 15.83 -14.77 4.05
CA THR A 204 15.53 -14.32 5.41
C THR A 204 15.66 -15.48 6.43
N ALA A 205 15.21 -16.66 6.04
CA ALA A 205 15.39 -17.86 6.90
C ALA A 205 16.86 -18.15 7.14
N ALA A 206 17.69 -18.08 6.09
CA ALA A 206 19.10 -18.42 6.19
C ALA A 206 19.88 -17.45 7.06
N THR A 207 19.44 -16.20 7.07
CA THR A 207 20.17 -15.14 7.77
C THR A 207 19.58 -14.81 9.15
N GLY A 208 18.39 -15.33 9.42
CA GLY A 208 17.68 -15.04 10.66
C GLY A 208 16.92 -13.72 10.65
N ALA A 209 16.82 -13.08 9.48
CA ALA A 209 16.12 -11.79 9.37
C ALA A 209 14.60 -11.98 9.45
N VAL A 210 13.92 -11.00 10.04
CA VAL A 210 12.46 -10.98 10.07
C VAL A 210 11.99 -10.31 8.79
N LEU A 211 11.26 -11.06 7.97
CA LEU A 211 10.61 -10.45 6.81
C LEU A 211 9.41 -9.63 7.28
N VAL A 212 9.39 -8.36 6.89
CA VAL A 212 8.28 -7.43 7.14
C VAL A 212 7.65 -7.14 5.77
N TRP A 213 6.40 -7.59 5.62
CA TRP A 213 5.76 -7.75 4.30
C TRP A 213 4.50 -6.95 4.27
N ASP A 214 4.55 -5.77 3.64
CA ASP A 214 3.34 -4.97 3.55
C ASP A 214 2.55 -5.41 2.31
N ALA A 215 1.45 -6.09 2.56
CA ALA A 215 0.60 -6.67 1.50
C ALA A 215 -0.69 -5.87 1.27
N ALA A 216 -0.60 -4.54 1.38
CA ALA A 216 -1.80 -3.69 1.22
C ALA A 216 -2.57 -4.01 -0.06
N THR A 217 -1.82 -4.26 -1.15
CA THR A 217 -2.45 -4.45 -2.49
C THR A 217 -2.30 -5.88 -2.99
N ALA A 218 -2.06 -6.82 -2.09
CA ALA A 218 -1.80 -8.24 -2.45
C ALA A 218 -2.91 -8.84 -3.33
N GLU A 219 -4.15 -8.45 -3.11
CA GLU A 219 -5.29 -9.14 -3.73
C GLU A 219 -5.48 -8.82 -5.22
N ILE A 220 -4.73 -7.85 -5.72
CA ILE A 220 -4.83 -7.53 -7.17
C ILE A 220 -3.47 -7.76 -7.83
N ALA A 221 -3.37 -8.84 -8.61
CA ALA A 221 -2.10 -9.21 -9.23
C ALA A 221 -2.35 -9.28 -10.72
N HIS A 222 -1.40 -8.81 -11.51
CA HIS A 222 -1.60 -8.69 -12.97
C HIS A 222 -0.75 -9.62 -13.76
N ARG A 223 0.43 -9.91 -13.27
CA ARG A 223 1.41 -10.66 -14.06
C ARG A 223 1.54 -12.10 -13.59
N TRP A 224 1.57 -12.26 -12.26
CA TRP A 224 1.62 -13.61 -11.65
C TRP A 224 0.41 -13.80 -10.75
N GLU A 225 0.35 -14.92 -10.03
CA GLU A 225 -0.79 -15.06 -9.14
C GLU A 225 -0.66 -14.19 -7.89
N VAL A 226 -1.77 -14.05 -7.19
CA VAL A 226 -1.79 -13.41 -5.87
C VAL A 226 -0.82 -14.15 -4.96
N LEU A 227 0.02 -13.41 -4.23
CA LEU A 227 1.06 -14.04 -3.40
C LEU A 227 0.45 -14.43 -2.08
N ALA A 228 0.69 -15.69 -1.71
CA ALA A 228 0.32 -16.18 -0.40
C ALA A 228 0.96 -15.32 0.65
N ASP A 229 0.19 -14.99 1.68
CA ASP A 229 0.78 -14.21 2.79
C ASP A 229 1.82 -15.05 3.57
N PRO A 230 3.06 -14.54 3.73
CA PRO A 230 4.04 -15.25 4.56
C PRO A 230 3.51 -15.53 5.97
N GLY A 231 2.57 -14.72 6.42
CA GLY A 231 1.98 -14.89 7.77
C GLY A 231 1.23 -16.20 7.96
N ALA A 232 0.81 -16.83 6.86
CA ALA A 232 0.13 -18.11 6.93
C ALA A 232 1.05 -19.25 7.38
N ASP A 233 2.37 -19.04 7.30
CA ASP A 233 3.33 -20.12 7.67
C ASP A 233 3.48 -20.40 9.16
N GLY A 234 3.12 -19.42 10.01
CA GLY A 234 3.23 -19.59 11.45
C GLY A 234 4.62 -19.35 11.99
N GLY A 235 5.44 -18.62 11.25
CA GLY A 235 6.81 -18.36 11.66
C GLY A 235 7.05 -16.94 12.14
N ASP A 236 8.28 -16.50 12.01
CA ASP A 236 8.67 -15.21 12.57
C ASP A 236 8.67 -14.16 11.50
N THR A 237 7.52 -13.89 10.93
CA THR A 237 7.41 -12.81 9.95
C THR A 237 6.37 -11.82 10.43
N VAL A 238 6.41 -10.61 9.91
CA VAL A 238 5.39 -9.60 10.22
C VAL A 238 4.78 -9.18 8.89
N SER A 239 3.45 -9.28 8.78
CA SER A 239 2.73 -8.89 7.55
C SER A 239 1.69 -7.86 7.86
N TYR A 240 1.45 -6.97 6.90
CA TYR A 240 0.36 -6.00 7.03
C TYR A 240 -0.67 -6.19 5.93
N GLY A 241 -1.91 -5.88 6.26
CA GLY A 241 -2.94 -5.71 5.21
C GLY A 241 -3.91 -4.67 5.67
N THR A 242 -4.83 -4.33 4.79
CA THR A 242 -5.75 -3.25 5.04
C THR A 242 -6.99 -3.43 4.20
N LEU A 243 -8.08 -2.84 4.64
CA LEU A 243 -9.29 -2.74 3.79
C LEU A 243 -9.24 -1.53 2.90
N SER A 244 -8.15 -0.76 2.99
CA SER A 244 -8.14 0.57 2.32
C SER A 244 -7.88 0.56 0.82
N LYS A 245 -7.16 -0.43 0.31
CA LYS A 245 -6.69 -0.35 -1.08
C LYS A 245 -7.35 -1.30 -2.06
N THR A 246 -7.70 -2.51 -1.67
CA THR A 246 -8.33 -3.39 -2.65
C THR A 246 -9.80 -3.70 -2.34
N PHE A 247 -10.27 -3.34 -1.15
CA PHE A 247 -11.64 -3.64 -0.72
C PHE A 247 -12.61 -2.48 -0.92
N GLY A 248 -12.12 -1.30 -1.29
CA GLY A 248 -13.02 -0.14 -1.44
C GLY A 248 -13.43 0.50 -0.12
N LEU A 249 -12.62 0.28 0.93
CA LEU A 249 -12.95 0.71 2.29
C LEU A 249 -11.85 1.53 3.01
N PRO A 250 -11.21 2.48 2.31
CA PRO A 250 -10.24 3.31 3.03
C PRO A 250 -10.89 4.07 4.20
N GLY A 251 -12.15 4.44 4.03
CA GLY A 251 -12.83 5.17 5.11
C GLY A 251 -13.43 4.31 6.22
N LEU A 252 -13.22 2.99 6.22
CA LEU A 252 -13.60 2.20 7.39
C LEU A 252 -12.53 2.26 8.48
N ARG A 253 -11.29 2.53 8.06
CA ARG A 253 -10.11 2.58 8.95
C ARG A 253 -9.86 1.26 9.68
N VAL A 254 -9.69 0.19 8.90
CA VAL A 254 -9.38 -1.11 9.47
C VAL A 254 -8.26 -1.78 8.71
N GLY A 255 -7.16 -2.10 9.40
CA GLY A 255 -6.11 -2.96 8.81
C GLY A 255 -5.66 -3.94 9.89
N TRP A 256 -4.52 -4.55 9.65
CA TRP A 256 -4.00 -5.58 10.57
C TRP A 256 -2.54 -5.85 10.39
N ALA A 257 -1.97 -6.44 11.45
CA ALA A 257 -0.70 -7.18 11.33
C ALA A 257 -0.94 -8.67 11.56
N VAL A 258 -0.20 -9.49 10.83
CA VAL A 258 -0.04 -10.93 11.15
C VAL A 258 1.40 -11.09 11.64
N ALA A 259 1.56 -11.66 12.87
CA ALA A 259 2.87 -11.82 13.49
C ALA A 259 2.74 -12.76 14.68
N PRO A 260 3.89 -13.20 15.23
CA PRO A 260 3.81 -14.04 16.41
C PRO A 260 3.11 -13.31 17.51
N LYS A 261 2.29 -14.05 18.27
CA LYS A 261 1.51 -13.44 19.34
C LYS A 261 2.37 -12.65 20.31
N GLU A 262 3.57 -13.15 20.61
CA GLU A 262 4.47 -12.45 21.55
C GLU A 262 4.74 -11.02 21.08
N LEU A 263 4.90 -10.82 19.77
CA LEU A 263 5.15 -9.47 19.25
C LEU A 263 3.89 -8.64 19.39
N LEU A 264 2.74 -9.24 19.09
CA LEU A 264 1.50 -8.52 19.14
C LEU A 264 1.18 -8.09 20.56
N THR A 265 1.36 -8.96 21.53
CA THR A 265 1.06 -8.55 22.91
C THR A 265 2.07 -7.46 23.36
N ALA A 266 3.29 -7.46 22.78
CA ALA A 266 4.30 -6.47 23.12
C ALA A 266 3.89 -5.05 22.67
N THR A 267 2.92 -4.98 21.76
CA THR A 267 2.44 -3.65 21.28
C THR A 267 1.44 -3.02 22.23
N PHE A 268 0.93 -3.81 23.19
CA PHE A 268 -0.17 -3.26 24.02
C PHE A 268 0.19 -2.03 24.84
N PRO A 269 1.40 -1.96 25.47
CA PRO A 269 1.69 -0.73 26.22
C PRO A 269 1.55 0.53 25.34
N LEU A 270 2.06 0.50 24.11
CA LEU A 270 1.88 1.64 23.22
C LEU A 270 0.39 1.79 22.82
N ARG A 271 -0.33 0.72 22.51
CA ARG A 271 -1.74 0.88 22.15
C ARG A 271 -2.55 1.48 23.32
N ASP A 272 -2.18 1.12 24.54
CA ASP A 272 -2.88 1.59 25.73
C ASP A 272 -2.74 3.10 25.91
N ARG A 273 -1.76 3.73 25.26
CA ARG A 273 -1.56 5.17 25.44
C ARG A 273 -1.78 5.94 24.16
N THR A 274 -2.43 5.29 23.19
CA THR A 274 -2.65 5.94 21.89
C THR A 274 -4.10 5.77 21.39
N THR A 275 -4.58 4.53 21.27
CA THR A 275 -5.93 4.30 20.68
C THR A 275 -6.80 3.37 21.54
N LEU A 276 -6.18 2.59 22.44
CA LEU A 276 -6.82 1.56 23.30
C LEU A 276 -7.29 0.33 22.50
N PHE A 277 -8.30 0.55 21.66
CA PHE A 277 -8.88 -0.53 20.87
C PHE A 277 -9.85 0.05 19.86
N LEU A 278 -10.39 -0.77 18.98
CA LEU A 278 -11.33 -0.29 17.97
C LEU A 278 -12.79 -0.30 18.46
N SER A 279 -13.69 0.25 17.64
CA SER A 279 -15.11 0.24 17.90
C SER A 279 -15.72 -1.10 17.53
N PRO A 280 -16.56 -1.70 18.43
CA PRO A 280 -17.24 -2.93 18.04
C PRO A 280 -18.15 -2.77 16.83
N LEU A 281 -18.67 -1.56 16.60
CA LEU A 281 -19.52 -1.32 15.43
C LEU A 281 -18.69 -1.47 14.14
N VAL A 282 -17.56 -0.77 14.12
CA VAL A 282 -16.61 -0.88 12.99
C VAL A 282 -16.09 -2.32 12.83
N GLU A 283 -15.82 -3.01 13.94
CA GLU A 283 -15.33 -4.39 13.85
C GLU A 283 -16.35 -5.35 13.25
N LEU A 284 -17.65 -5.11 13.51
CA LEU A 284 -18.71 -5.94 12.89
C LEU A 284 -18.65 -5.76 11.37
N VAL A 285 -18.64 -4.50 10.92
CA VAL A 285 -18.59 -4.21 9.49
C VAL A 285 -17.34 -4.80 8.88
N ALA A 286 -16.19 -4.62 9.55
CA ALA A 286 -14.93 -5.20 9.06
C ALA A 286 -14.93 -6.72 8.90
N GLU A 287 -15.50 -7.43 9.88
CA GLU A 287 -15.56 -8.90 9.81
C GLU A 287 -16.35 -9.32 8.59
N ARG A 288 -17.50 -8.69 8.41
CA ARG A 288 -18.37 -8.99 7.27
C ARG A 288 -17.69 -8.65 5.95
N ALA A 289 -16.97 -7.54 5.92
CA ALA A 289 -16.21 -7.19 4.70
C ALA A 289 -15.17 -8.23 4.34
N VAL A 290 -14.43 -8.72 5.33
CA VAL A 290 -13.39 -9.70 5.10
C VAL A 290 -14.01 -11.02 4.64
N ARG A 291 -15.14 -11.41 5.27
CA ARG A 291 -15.82 -12.66 4.87
C ARG A 291 -16.34 -12.60 3.44
N HIS A 292 -16.66 -11.38 2.96
CA HIS A 292 -17.07 -11.19 1.59
C HIS A 292 -16.00 -10.53 0.75
N ALA A 293 -14.75 -10.81 1.08
CA ALA A 293 -13.61 -10.20 0.37
C ALA A 293 -13.65 -10.43 -1.14
N ASP A 294 -13.95 -11.68 -1.57
CA ASP A 294 -13.89 -11.95 -3.01
C ASP A 294 -14.87 -11.11 -3.80
N GLU A 295 -16.05 -10.87 -3.23
CA GLU A 295 -17.05 -10.03 -3.90
C GLU A 295 -16.65 -8.57 -3.95
N LEU A 296 -16.20 -8.04 -2.81
CA LEU A 296 -15.81 -6.62 -2.75
C LEU A 296 -14.63 -6.34 -3.64
N ILE A 297 -13.61 -7.19 -3.55
CA ILE A 297 -12.40 -7.02 -4.36
C ILE A 297 -12.71 -7.27 -5.83
N GLY A 298 -13.45 -8.35 -6.10
CA GLY A 298 -13.67 -8.77 -7.48
C GLY A 298 -14.29 -7.73 -8.36
N ALA A 299 -15.32 -7.05 -7.88
CA ALA A 299 -16.00 -6.04 -8.70
C ALA A 299 -15.01 -4.95 -9.06
N ARG A 300 -14.29 -4.50 -8.05
CA ARG A 300 -13.36 -3.39 -8.25
C ARG A 300 -12.15 -3.81 -9.08
N ALA A 301 -11.65 -5.03 -8.88
CA ALA A 301 -10.50 -5.51 -9.65
C ALA A 301 -10.82 -5.63 -11.16
N ALA A 302 -12.05 -6.04 -11.47
CA ALA A 302 -12.46 -6.07 -12.88
C ALA A 302 -12.41 -4.69 -13.51
N GLU A 303 -12.92 -3.68 -12.79
CA GLU A 303 -12.89 -2.32 -13.27
C GLU A 303 -11.43 -1.86 -13.43
N ALA A 304 -10.61 -2.14 -12.44
CA ALA A 304 -9.19 -1.78 -12.50
C ALA A 304 -8.49 -2.41 -13.72
N ARG A 305 -8.79 -3.68 -14.00
CA ARG A 305 -8.19 -4.35 -15.15
C ARG A 305 -8.63 -3.68 -16.47
N HIS A 306 -9.88 -3.25 -16.56
CA HIS A 306 -10.38 -2.54 -17.74
C HIS A 306 -9.61 -1.24 -17.92
N ASN A 307 -9.41 -0.48 -16.84
CA ASN A 307 -8.65 0.75 -16.91
C ASN A 307 -7.18 0.50 -17.27
N LEU A 308 -6.60 -0.58 -16.72
CA LEU A 308 -5.19 -0.89 -17.02
C LEU A 308 -4.98 -1.18 -18.51
N ALA A 309 -5.92 -1.89 -19.12
CA ALA A 309 -5.87 -2.13 -20.56
C ALA A 309 -5.83 -0.81 -21.34
N HIS A 310 -6.73 0.10 -20.96
CA HIS A 310 -6.81 1.42 -21.53
C HIS A 310 -5.53 2.17 -21.34
N LEU A 311 -4.96 2.09 -20.12
CA LEU A 311 -3.73 2.78 -19.77
C LEU A 311 -2.56 2.25 -20.57
N THR A 312 -2.58 0.94 -20.84
CA THR A 312 -1.48 0.33 -21.57
C THR A 312 -1.41 0.91 -22.99
N GLY A 313 -2.56 1.02 -23.65
CA GLY A 313 -2.62 1.64 -24.99
C GLY A 313 -2.19 3.10 -24.92
N TRP A 314 -2.68 3.80 -23.90
CA TRP A 314 -2.41 5.24 -23.74
C TRP A 314 -0.94 5.45 -23.56
N MET A 315 -0.31 4.60 -22.74
CA MET A 315 1.13 4.72 -22.57
C MET A 315 1.89 4.48 -23.85
N ALA A 316 1.47 3.47 -24.61
CA ALA A 316 2.12 3.21 -25.88
C ALA A 316 1.97 4.38 -26.85
N ALA A 317 0.79 4.97 -26.85
CA ALA A 317 0.51 6.11 -27.78
C ALA A 317 1.33 7.33 -27.40
N HIS A 318 1.68 7.44 -26.12
CA HIS A 318 2.48 8.58 -25.60
C HIS A 318 3.92 8.28 -25.33
N GLU A 319 4.46 7.22 -25.93
CA GLU A 319 5.80 6.74 -25.59
C GLU A 319 6.92 7.74 -25.83
N GLU A 320 6.72 8.69 -26.75
CA GLU A 320 7.74 9.73 -27.03
C GLU A 320 7.92 10.66 -25.81
N LEU A 321 6.88 10.76 -24.99
CA LEU A 321 6.82 11.73 -23.87
C LEU A 321 6.88 11.10 -22.47
N VAL A 322 6.53 9.81 -22.38
CA VAL A 322 6.38 9.15 -21.07
C VAL A 322 6.89 7.73 -21.18
N ARG A 323 7.54 7.25 -20.12
CA ARG A 323 7.95 5.84 -20.06
C ARG A 323 7.48 5.20 -18.75
N TRP A 324 7.49 3.86 -18.65
CA TRP A 324 7.19 3.24 -17.36
C TRP A 324 7.68 1.83 -17.25
N THR A 325 7.59 1.30 -16.03
CA THR A 325 7.53 -0.15 -15.88
C THR A 325 6.04 -0.47 -15.76
N PRO A 326 5.51 -1.35 -16.62
CA PRO A 326 4.12 -1.76 -16.48
C PRO A 326 3.86 -2.30 -15.08
N PRO A 327 2.75 -1.89 -14.48
CA PRO A 327 2.47 -2.41 -13.13
C PRO A 327 2.16 -3.91 -13.17
N GLU A 328 2.67 -4.60 -12.16
CA GLU A 328 2.54 -6.05 -12.05
C GLU A 328 1.53 -6.47 -11.00
N GLY A 329 1.16 -5.53 -10.14
CA GLY A 329 0.14 -5.74 -9.14
C GLY A 329 -0.36 -4.40 -8.65
N GLY A 330 -1.40 -4.45 -7.84
CA GLY A 330 -2.05 -3.25 -7.31
C GLY A 330 -2.78 -2.46 -8.38
N VAL A 331 -3.10 -1.21 -8.06
CA VAL A 331 -3.91 -0.38 -8.96
C VAL A 331 -3.31 0.99 -9.23
N CYS A 332 -2.00 1.10 -9.15
CA CYS A 332 -1.33 2.33 -9.54
C CYS A 332 -0.01 2.04 -10.23
N ALA A 333 0.51 3.05 -10.92
CA ALA A 333 1.76 2.95 -11.63
C ALA A 333 2.50 4.26 -11.48
N LEU A 334 3.75 4.28 -11.94
CA LEU A 334 4.59 5.48 -11.85
C LEU A 334 5.11 5.85 -13.23
N PRO A 335 4.25 6.49 -14.04
CA PRO A 335 4.81 6.99 -15.29
C PRO A 335 5.94 7.99 -15.04
N VAL A 336 6.95 7.96 -15.90
CA VAL A 336 8.08 8.88 -15.81
C VAL A 336 8.01 9.81 -17.00
N PHE A 337 8.08 11.11 -16.75
CA PHE A 337 7.96 12.09 -17.84
C PHE A 337 9.35 12.39 -18.37
N ARG A 338 9.57 12.07 -19.64
CA ARG A 338 10.91 12.12 -20.20
C ARG A 338 11.45 13.53 -20.12
N GLU A 339 10.56 14.52 -20.24
CA GLU A 339 10.98 15.95 -20.16
C GLU A 339 11.72 16.24 -18.86
N LEU A 340 11.29 15.62 -17.77
CA LEU A 340 11.88 15.87 -16.45
C LEU A 340 13.23 15.15 -16.28
N GLU A 341 13.43 14.08 -17.03
CA GLU A 341 14.68 13.32 -16.96
C GLU A 341 15.72 13.95 -17.86
N ARG A 342 15.31 14.23 -19.09
CA ARG A 342 16.22 14.70 -20.16
C ARG A 342 16.86 16.03 -19.78
N ALA A 343 16.19 16.78 -18.92
CA ALA A 343 16.74 18.02 -18.40
C ALA A 343 17.34 17.77 -17.01
N ALA A 344 16.81 16.72 -16.35
CA ALA A 344 17.10 16.38 -14.93
C ALA A 344 17.09 17.59 -13.99
N ALA A 345 15.96 18.30 -13.94
CA ALA A 345 15.85 19.57 -13.18
C ALA A 345 15.77 19.31 -11.68
N GLY A 346 15.75 20.41 -10.92
CA GLY A 346 15.47 20.34 -9.48
C GLY A 346 14.32 19.36 -9.28
N PRO A 347 14.34 18.63 -8.16
CA PRO A 347 13.33 17.57 -8.00
C PRO A 347 11.93 18.16 -7.76
N GLN A 348 11.88 19.44 -7.37
CA GLN A 348 10.61 20.13 -7.24
C GLN A 348 9.87 20.24 -8.58
N GLU A 349 10.56 20.05 -9.72
CA GLU A 349 9.88 20.33 -10.99
C GLU A 349 8.63 19.48 -11.17
N VAL A 350 8.68 18.21 -10.75
CA VAL A 350 7.48 17.38 -10.92
C VAL A 350 6.31 17.88 -10.07
N GLU A 351 6.59 18.61 -8.99
CA GLU A 351 5.50 19.13 -8.17
C GLU A 351 4.82 20.24 -8.93
N ARG A 352 5.61 21.09 -9.56
CA ARG A 352 5.06 22.16 -10.37
C ARG A 352 4.31 21.62 -11.56
N PHE A 353 4.83 20.55 -12.15
CA PHE A 353 4.11 19.87 -13.25
C PHE A 353 2.72 19.43 -12.79
N CYS A 354 2.67 18.78 -11.63
CA CYS A 354 1.39 18.26 -11.15
C CYS A 354 0.43 19.40 -10.72
N LEU A 355 1.00 20.49 -10.19
CA LEU A 355 0.15 21.63 -9.80
C LEU A 355 -0.53 22.22 -11.03
N GLU A 356 0.23 22.32 -12.12
CA GLU A 356 -0.27 22.91 -13.33
C GLU A 356 -1.27 21.99 -14.03
N LEU A 357 -0.96 20.69 -14.07
CA LEU A 357 -1.93 19.71 -14.56
C LEU A 357 -3.28 19.83 -13.82
N LEU A 358 -3.21 19.99 -12.49
CA LEU A 358 -4.41 20.08 -11.67
C LEU A 358 -5.21 21.36 -11.95
N GLU A 359 -4.53 22.48 -11.97
CA GLU A 359 -5.23 23.74 -12.11
C GLU A 359 -5.77 23.94 -13.52
N ARG A 360 -4.97 23.61 -14.53
CA ARG A 360 -5.37 23.84 -15.90
C ARG A 360 -6.22 22.72 -16.52
N HIS A 361 -6.06 21.49 -16.03
CA HIS A 361 -6.71 20.37 -16.65
C HIS A 361 -7.53 19.54 -15.69
N ARG A 362 -7.69 20.03 -14.45
CA ARG A 362 -8.60 19.40 -13.48
C ARG A 362 -8.23 17.95 -13.16
N THR A 363 -6.96 17.60 -13.32
CA THR A 363 -6.54 16.18 -13.23
C THR A 363 -5.47 16.01 -12.13
N LEU A 364 -5.70 15.06 -11.22
CA LEU A 364 -4.80 14.90 -10.08
C LEU A 364 -3.95 13.65 -10.19
N LEU A 365 -2.63 13.84 -10.09
CA LEU A 365 -1.64 12.77 -9.87
C LEU A 365 -0.99 13.06 -8.53
N VAL A 366 -0.16 12.16 -8.02
CA VAL A 366 0.72 12.52 -6.88
C VAL A 366 2.13 12.71 -7.39
N PRO A 367 2.75 13.86 -7.17
CA PRO A 367 4.14 14.05 -7.63
C PRO A 367 5.11 13.03 -7.03
N GLY A 368 6.06 12.62 -7.84
CA GLY A 368 6.98 11.55 -7.45
C GLY A 368 7.87 11.86 -6.28
N THR A 369 8.01 13.15 -5.94
CA THR A 369 8.68 13.54 -4.71
C THR A 369 8.07 12.88 -3.46
N ALA A 370 6.85 12.38 -3.57
CA ALA A 370 6.23 11.67 -2.45
C ALA A 370 6.80 10.28 -2.27
N PHE A 371 7.54 9.80 -3.27
CA PHE A 371 7.98 8.40 -3.30
C PHE A 371 9.45 8.27 -3.65
N GLY A 372 10.19 9.36 -3.56
CA GLY A 372 11.63 9.36 -3.87
C GLY A 372 11.90 9.13 -5.35
N ALA A 373 10.98 9.58 -6.19
CA ALA A 373 11.04 9.36 -7.64
C ALA A 373 10.78 10.70 -8.32
N PRO A 374 11.78 11.60 -8.37
CA PRO A 374 11.54 12.98 -8.79
C PRO A 374 11.13 13.18 -10.25
N HIS A 375 11.25 12.14 -11.09
CA HIS A 375 10.91 12.31 -12.50
C HIS A 375 9.61 11.68 -12.89
N GLY A 376 8.90 11.13 -11.91
CA GLY A 376 7.63 10.45 -12.19
C GLY A 376 6.50 10.98 -11.32
N ALA A 377 5.31 10.42 -11.52
CA ALA A 377 4.17 10.75 -10.67
C ALA A 377 3.29 9.52 -10.55
N ARG A 378 2.63 9.35 -9.41
CA ARG A 378 1.74 8.20 -9.24
C ARG A 378 0.42 8.46 -10.00
N LEU A 379 0.08 7.49 -10.85
CA LEU A 379 -1.14 7.51 -11.64
C LEU A 379 -1.91 6.25 -11.24
N GLY A 380 -3.08 6.46 -10.65
CA GLY A 380 -3.94 5.36 -10.19
C GLY A 380 -4.99 4.97 -11.20
N PHE A 381 -5.17 3.67 -11.38
CA PHE A 381 -6.20 3.17 -12.31
C PHE A 381 -7.28 2.34 -11.63
N GLY A 382 -7.42 2.52 -10.31
CA GLY A 382 -8.47 1.82 -9.55
C GLY A 382 -9.73 2.64 -9.37
N GLY A 383 -9.76 3.84 -9.93
CA GLY A 383 -10.96 4.69 -9.83
C GLY A 383 -12.01 4.32 -10.88
N PRO A 384 -13.15 5.03 -10.88
CA PRO A 384 -14.22 4.82 -11.85
C PRO A 384 -13.73 4.98 -13.29
N GLN A 385 -14.24 4.13 -14.17
CA GLN A 385 -13.80 4.10 -15.58
C GLN A 385 -13.94 5.44 -16.33
N GLU A 386 -15.08 6.10 -16.19
CA GLU A 386 -15.33 7.27 -17.04
C GLU A 386 -14.46 8.44 -16.60
N ASP A 387 -14.31 8.58 -15.29
CA ASP A 387 -13.44 9.63 -14.77
C ASP A 387 -11.99 9.37 -15.10
N PHE A 388 -11.63 8.09 -15.10
CA PHE A 388 -10.27 7.70 -15.48
C PHE A 388 -9.91 8.16 -16.91
N ARG A 389 -10.81 7.91 -17.84
CA ARG A 389 -10.61 8.37 -19.23
C ARG A 389 -10.47 9.89 -19.32
N ALA A 390 -11.29 10.59 -18.53
CA ALA A 390 -11.22 12.07 -18.51
C ALA A 390 -9.88 12.54 -17.96
N GLY A 391 -9.41 11.89 -16.91
CA GLY A 391 -8.10 12.23 -16.36
C GLY A 391 -6.99 12.01 -17.37
N LEU A 392 -7.02 10.88 -18.07
CA LEU A 392 -6.05 10.59 -19.13
C LEU A 392 -6.09 11.61 -20.26
N ASP A 393 -7.30 12.07 -20.61
CA ASP A 393 -7.43 13.13 -21.61
C ASP A 393 -6.79 14.42 -21.16
N GLY A 394 -6.99 14.76 -19.89
CA GLY A 394 -6.40 15.98 -19.31
C GLY A 394 -4.89 15.92 -19.37
N LEU A 395 -4.35 14.77 -19.00
CA LEU A 395 -2.89 14.59 -19.01
C LEU A 395 -2.35 14.58 -20.44
N SER A 396 -3.09 13.96 -21.36
CA SER A 396 -2.64 13.92 -22.75
C SER A 396 -2.53 15.35 -23.31
N ARG A 397 -3.57 16.14 -23.05
CA ARG A 397 -3.59 17.55 -23.52
C ARG A 397 -2.44 18.35 -22.90
N PHE A 398 -2.23 18.17 -21.60
CA PHE A 398 -1.11 18.85 -20.93
C PHE A 398 0.23 18.48 -21.52
N LEU A 399 0.42 17.20 -21.79
CA LEU A 399 1.71 16.74 -22.35
C LEU A 399 1.95 17.30 -23.74
N ARG A 400 0.91 17.30 -24.56
CA ARG A 400 0.94 17.84 -25.92
C ARG A 400 1.27 19.32 -25.89
N GLU A 401 0.64 20.07 -24.97
CA GLU A 401 0.89 21.52 -24.81
C GLU A 401 2.36 21.75 -24.54
N ARG A 402 2.90 21.04 -23.55
CA ARG A 402 4.32 21.15 -23.23
C ARG A 402 5.25 20.73 -24.38
N ALA A 403 4.92 19.66 -25.09
CA ALA A 403 5.77 19.22 -26.21
C ALA A 403 5.80 20.24 -27.35
N ALA A 404 4.69 20.97 -27.50
CA ALA A 404 4.51 21.89 -28.62
C ALA A 404 4.99 23.28 -28.28
N GLY A 405 4.99 24.14 -29.30
CA GLY A 405 4.86 25.59 -29.10
C GLY A 405 5.75 26.42 -30.01
N1 PLP B . 0.81 0.59 3.45
C2 PLP B . 0.85 1.06 2.24
C2A PLP B . 1.71 0.46 1.30
C3 PLP B . 0.06 2.12 1.86
O3 PLP B . 0.15 2.58 0.61
C4 PLP B . -0.78 2.75 2.81
C4A PLP B . -1.61 3.85 2.46
C5 PLP B . -0.81 2.22 4.07
C6 PLP B . -0.01 1.14 4.35
C5A PLP B . -1.66 2.78 5.10
O4P PLP B . -2.97 2.92 4.80
P PLP B . -4.12 2.44 5.86
O1P PLP B . -3.81 3.00 7.20
O2P PLP B . -5.32 3.00 5.33
O3P PLP B . -4.23 1.03 5.85
N ARG C . -1.23 4.64 1.47
CA ARG C . -2.13 5.74 0.95
C ARG C . -1.53 6.42 -0.31
O ARG C . -0.50 5.95 -0.69
CB ARG C . -2.46 6.75 1.96
CG ARG C . -3.44 7.85 1.46
CD ARG C . -3.85 8.76 2.51
NE ARG C . -5.05 9.49 2.14
CZ ARG C . -5.07 10.85 2.17
NH1 ARG C . -3.97 11.48 2.43
NH2 ARG C . -6.20 11.53 1.92
OXT ARG C . -2.13 7.35 -0.82
#